data_4QUK
#
_entry.id   4QUK
#
_cell.length_a   37.797
_cell.length_b   76.565
_cell.length_c   106.045
_cell.angle_alpha   90.00
_cell.angle_beta   90.00
_cell.angle_gamma   90.00
#
_symmetry.space_group_name_H-M   'P 21 21 21'
#
loop_
_entity.id
_entity.type
_entity.pdbx_description
1 polymer Dihydroflavonol-4-reductase
2 water water
#
_entity_poly.entity_id   1
_entity_poly.type   'polypeptide(L)'
_entity_poly.pdbx_seq_one_letter_code
;NVVCVTGASGYIASWLVRLLLHRGYTVKATVRDPNDPKKVDHLVKLDGAKERLQLFKANLLEEGAFDSVVQGCHGVFHTA
SPFYHDVKDPQAELIDPALKGTLNVLNSCAKSPSLKRVVLTSSIAAVAYNGKPRTPDVVVDETWFTDADFCAKSNLWYVV
SATLAEEAAWKFVKENNIDMVTINPAMVIGPLLQPVLNTSAAAILNLINGAQTFPNASFGWVNVKDVANAHILAYENASA
SGRHCLVERVAHYSEVVRILRELYPSLQLPEKCADDKPYVPIYQVSKEKAKSLGLEYTPLEVSIKETVESLKEKKFANL
;
_entity_poly.pdbx_strand_id   A
#
# COMPACT_ATOMS: atom_id res chain seq x y z
N ASN A 1 4.52 9.36 21.87
CA ASN A 1 5.46 8.36 21.30
C ASN A 1 4.77 7.02 21.10
N VAL A 2 3.47 6.98 21.40
CA VAL A 2 2.69 5.76 21.24
C VAL A 2 1.75 5.88 20.05
N VAL A 3 1.85 4.93 19.11
CA VAL A 3 1.01 4.94 17.93
C VAL A 3 0.44 3.55 17.69
N CYS A 4 -0.63 3.50 16.91
CA CYS A 4 -1.27 2.23 16.59
C CYS A 4 -1.19 1.93 15.10
N VAL A 5 -0.89 0.69 14.76
CA VAL A 5 -0.81 0.25 13.38
C VAL A 5 -1.74 -0.95 13.22
N THR A 6 -2.79 -0.79 12.44
CA THR A 6 -3.75 -1.87 12.22
C THR A 6 -3.22 -2.84 11.15
N GLY A 7 -3.64 -4.10 11.24
CA GLY A 7 -3.20 -5.11 10.29
C GLY A 7 -1.70 -5.10 10.11
N ALA A 8 -0.99 -5.08 11.24
CA ALA A 8 0.47 -5.02 11.26
C ALA A 8 1.21 -6.10 10.49
N SER A 9 0.56 -7.23 10.25
CA SER A 9 1.17 -8.33 9.51
C SER A 9 1.26 -8.07 8.01
N GLY A 10 0.52 -7.09 7.52
CA GLY A 10 0.52 -6.77 6.10
C GLY A 10 1.89 -6.38 5.57
N TYR A 11 2.03 -6.34 4.25
CA TYR A 11 3.31 -5.99 3.62
C TYR A 11 3.74 -4.57 3.97
N ILE A 12 2.88 -3.60 3.64
CA ILE A 12 3.19 -2.20 3.93
C ILE A 12 3.26 -1.97 5.43
N ALA A 13 2.28 -2.51 6.16
CA ALA A 13 2.22 -2.35 7.61
C ALA A 13 3.46 -2.90 8.31
N SER A 14 3.97 -4.05 7.85
CA SER A 14 5.15 -4.63 8.49
C SER A 14 6.35 -3.71 8.34
N TRP A 15 6.50 -3.10 7.16
CA TRP A 15 7.61 -2.18 6.96
C TRP A 15 7.43 -0.91 7.78
N LEU A 16 6.20 -0.47 7.92
CA LEU A 16 5.90 0.72 8.71
C LEU A 16 6.28 0.44 10.16
N VAL A 17 5.92 -0.74 10.65
CA VAL A 17 6.23 -1.13 12.02
C VAL A 17 7.74 -1.14 12.23
N ARG A 18 8.48 -1.71 11.28
CA ARG A 18 9.93 -1.76 11.39
C ARG A 18 10.55 -0.37 11.50
N LEU A 19 10.13 0.53 10.61
CA LEU A 19 10.64 1.88 10.61
C LEU A 19 10.20 2.68 11.84
N LEU A 20 8.96 2.49 12.28
CA LEU A 20 8.48 3.20 13.47
C LEU A 20 9.28 2.76 14.70
N LEU A 21 9.51 1.46 14.82
CA LEU A 21 10.27 0.92 15.94
C LEU A 21 11.69 1.48 15.94
N HIS A 22 12.26 1.60 14.75
CA HIS A 22 13.61 2.12 14.64
C HIS A 22 13.68 3.59 15.04
N ARG A 23 12.58 4.32 14.89
CA ARG A 23 12.56 5.72 15.27
C ARG A 23 12.27 5.92 16.75
N GLY A 24 12.14 4.82 17.49
CA GLY A 24 11.90 4.89 18.92
C GLY A 24 10.47 4.86 19.41
N TYR A 25 9.52 4.69 18.49
CA TYR A 25 8.10 4.65 18.85
C TYR A 25 7.68 3.39 19.59
N THR A 26 6.61 3.52 20.36
CA THR A 26 6.01 2.37 21.04
C THR A 26 4.88 2.07 20.08
N VAL A 27 4.87 0.87 19.51
CA VAL A 27 3.85 0.55 18.53
C VAL A 27 2.82 -0.47 18.98
N LYS A 28 1.56 -0.06 18.99
CA LYS A 28 0.46 -0.94 19.36
C LYS A 28 -0.03 -1.50 18.02
N ALA A 29 0.29 -2.76 17.76
CA ALA A 29 -0.06 -3.39 16.50
C ALA A 29 -1.18 -4.41 16.64
N THR A 30 -2.10 -4.39 15.68
CA THR A 30 -3.22 -5.33 15.71
C THR A 30 -3.14 -6.35 14.59
N VAL A 31 -3.51 -7.59 14.92
CA VAL A 31 -3.53 -8.69 13.98
C VAL A 31 -4.74 -9.53 14.39
N ARG A 32 -5.24 -10.37 13.50
CA ARG A 32 -6.41 -11.19 13.83
C ARG A 32 -6.14 -12.20 14.94
N ASP A 33 -4.91 -12.69 15.03
CA ASP A 33 -4.56 -13.64 16.06
C ASP A 33 -3.10 -13.53 16.47
N PRO A 34 -2.82 -12.79 17.55
CA PRO A 34 -1.46 -12.60 18.03
C PRO A 34 -0.85 -13.87 18.64
N ASN A 35 -1.68 -14.88 18.84
CA ASN A 35 -1.20 -16.13 19.42
C ASN A 35 -0.73 -17.11 18.34
N ASP A 36 -0.75 -16.63 17.10
CA ASP A 36 -0.32 -17.44 15.95
C ASP A 36 1.08 -16.98 15.55
N PRO A 37 2.11 -17.70 16.00
CA PRO A 37 3.51 -17.36 15.69
C PRO A 37 3.84 -17.27 14.21
N LYS A 38 3.29 -18.17 13.41
CA LYS A 38 3.55 -18.17 11.97
C LYS A 38 3.11 -16.89 11.27
N LYS A 39 2.41 -16.00 11.98
CA LYS A 39 1.95 -14.76 11.37
C LYS A 39 2.32 -13.49 12.15
N VAL A 40 3.15 -13.65 13.19
CA VAL A 40 3.60 -12.51 13.98
C VAL A 40 5.11 -12.60 14.19
N ASP A 41 5.68 -13.75 13.84
CA ASP A 41 7.12 -13.95 14.00
C ASP A 41 7.96 -12.92 13.28
N HIS A 42 7.56 -12.54 12.07
CA HIS A 42 8.32 -11.55 11.31
C HIS A 42 8.25 -10.18 11.97
N LEU A 43 7.24 -9.96 12.79
CA LEU A 43 7.10 -8.69 13.49
C LEU A 43 7.91 -8.70 14.79
N VAL A 44 7.75 -9.77 15.57
CA VAL A 44 8.46 -9.88 16.84
C VAL A 44 9.98 -9.88 16.66
N LYS A 45 10.44 -10.33 15.50
CA LYS A 45 11.88 -10.38 15.21
C LYS A 45 12.49 -9.02 14.90
N LEU A 46 11.65 -8.07 14.48
CA LEU A 46 12.13 -6.73 14.14
C LEU A 46 12.92 -6.08 15.26
N ASP A 47 13.93 -5.30 14.89
CA ASP A 47 14.77 -4.62 15.86
C ASP A 47 13.96 -3.67 16.75
N GLY A 48 14.01 -3.92 18.06
CA GLY A 48 13.28 -3.09 19.01
C GLY A 48 11.90 -3.61 19.37
N ALA A 49 11.40 -4.56 18.60
CA ALA A 49 10.06 -5.12 18.84
C ALA A 49 9.93 -5.73 20.23
N LYS A 50 10.98 -6.42 20.66
CA LYS A 50 10.99 -7.08 21.96
C LYS A 50 10.58 -6.12 23.09
N GLU A 51 11.08 -4.89 23.04
CA GLU A 51 10.76 -3.92 24.08
C GLU A 51 9.62 -2.96 23.74
N ARG A 52 9.47 -2.61 22.46
CA ARG A 52 8.45 -1.64 22.10
C ARG A 52 7.29 -2.03 21.19
N LEU A 53 7.18 -3.31 20.83
CA LEU A 53 6.06 -3.75 20.00
C LEU A 53 5.01 -4.41 20.91
N GLN A 54 3.81 -3.85 20.93
CA GLN A 54 2.72 -4.38 21.75
C GLN A 54 1.63 -4.91 20.82
N LEU A 55 1.45 -6.23 20.81
CA LEU A 55 0.45 -6.86 19.95
C LEU A 55 -0.94 -7.01 20.58
N PHE A 56 -1.96 -6.68 19.79
CA PHE A 56 -3.35 -6.79 20.25
C PHE A 56 -4.20 -7.51 19.21
N LYS A 57 -5.21 -8.25 19.68
CA LYS A 57 -6.10 -8.97 18.79
C LYS A 57 -7.26 -8.07 18.38
N ALA A 58 -7.51 -7.96 17.08
CA ALA A 58 -8.60 -7.14 16.59
C ALA A 58 -9.00 -7.55 15.19
N ASN A 59 -10.29 -7.66 14.94
CA ASN A 59 -10.78 -8.02 13.62
C ASN A 59 -11.56 -6.84 13.05
N LEU A 60 -11.19 -6.44 11.84
CA LEU A 60 -11.83 -5.31 11.17
C LEU A 60 -13.35 -5.39 11.04
N LEU A 61 -13.87 -6.61 10.86
CA LEU A 61 -15.30 -6.78 10.68
C LEU A 61 -16.09 -6.90 11.99
N GLU A 62 -15.42 -6.64 13.11
CA GLU A 62 -16.08 -6.72 14.40
C GLU A 62 -16.22 -5.32 15.00
N GLU A 63 -17.46 -4.85 15.08
CA GLU A 63 -17.72 -3.51 15.62
C GLU A 63 -17.08 -3.24 16.97
N GLY A 64 -16.45 -2.07 17.09
CA GLY A 64 -15.81 -1.68 18.33
C GLY A 64 -14.55 -2.44 18.68
N ALA A 65 -14.08 -3.27 17.77
CA ALA A 65 -12.88 -4.08 18.00
C ALA A 65 -11.61 -3.25 18.22
N PHE A 66 -11.61 -2.00 17.75
CA PHE A 66 -10.44 -1.15 17.91
C PHE A 66 -10.61 -0.02 18.92
N ASP A 67 -11.73 -0.01 19.64
CA ASP A 67 -11.99 1.06 20.61
C ASP A 67 -10.91 1.30 21.65
N SER A 68 -10.45 0.24 22.31
CA SER A 68 -9.44 0.38 23.34
C SER A 68 -8.01 0.51 22.82
N VAL A 69 -7.68 -0.25 21.77
CA VAL A 69 -6.32 -0.20 21.24
C VAL A 69 -5.87 1.17 20.76
N VAL A 70 -6.77 1.96 20.18
CA VAL A 70 -6.39 3.29 19.70
C VAL A 70 -6.24 4.29 20.83
N GLN A 71 -6.91 4.02 21.96
CA GLN A 71 -6.83 4.92 23.11
C GLN A 71 -5.37 5.03 23.54
N GLY A 72 -4.95 6.24 23.91
CA GLY A 72 -3.58 6.45 24.35
C GLY A 72 -2.61 6.66 23.20
N CYS A 73 -3.13 6.72 21.98
CA CYS A 73 -2.30 6.92 20.79
C CYS A 73 -2.49 8.30 20.19
N HIS A 74 -1.38 8.97 19.87
CA HIS A 74 -1.46 10.29 19.25
C HIS A 74 -1.62 10.09 17.75
N GLY A 75 -1.19 8.93 17.26
CA GLY A 75 -1.31 8.63 15.85
C GLY A 75 -1.85 7.24 15.61
N VAL A 76 -2.68 7.10 14.59
CA VAL A 76 -3.26 5.82 14.23
C VAL A 76 -3.01 5.58 12.75
N PHE A 77 -2.32 4.50 12.43
CA PHE A 77 -2.02 4.16 11.05
C PHE A 77 -2.94 3.04 10.61
N HIS A 78 -4.01 3.38 9.89
CA HIS A 78 -4.92 2.35 9.41
C HIS A 78 -4.41 1.90 8.06
N THR A 79 -3.65 0.81 8.07
CA THR A 79 -3.07 0.27 6.86
C THR A 79 -3.79 -0.99 6.40
N ALA A 80 -4.47 -1.64 7.33
CA ALA A 80 -5.20 -2.86 7.04
C ALA A 80 -6.18 -2.65 5.88
N VAL A 87 -13.56 -13.70 -5.67
CA VAL A 87 -14.71 -12.89 -5.29
C VAL A 87 -15.86 -13.08 -6.28
N LYS A 88 -17.05 -13.33 -5.76
CA LYS A 88 -18.23 -13.50 -6.60
C LYS A 88 -19.03 -12.22 -6.61
N ASP A 89 -19.69 -11.92 -5.50
CA ASP A 89 -20.47 -10.70 -5.38
C ASP A 89 -19.59 -9.56 -4.86
N PRO A 90 -19.25 -8.61 -5.74
CA PRO A 90 -18.41 -7.45 -5.41
C PRO A 90 -18.92 -6.60 -4.26
N GLN A 91 -20.23 -6.62 -4.05
CA GLN A 91 -20.83 -5.82 -2.98
C GLN A 91 -20.58 -6.42 -1.59
N ALA A 92 -21.12 -7.60 -1.34
CA ALA A 92 -20.98 -8.25 -0.04
C ALA A 92 -19.58 -8.82 0.23
N GLU A 93 -18.88 -9.18 -0.83
CA GLU A 93 -17.54 -9.77 -0.68
C GLU A 93 -16.37 -8.81 -0.84
N LEU A 94 -16.63 -7.57 -1.25
CA LEU A 94 -15.55 -6.61 -1.45
C LEU A 94 -15.87 -5.22 -0.91
N ILE A 95 -16.82 -4.55 -1.56
CA ILE A 95 -17.21 -3.20 -1.16
C ILE A 95 -17.65 -3.08 0.30
N ASP A 96 -18.68 -3.84 0.67
CA ASP A 96 -19.19 -3.79 2.02
C ASP A 96 -18.16 -4.01 3.12
N PRO A 97 -17.35 -5.08 3.01
CA PRO A 97 -16.35 -5.30 4.05
C PRO A 97 -15.30 -4.19 4.11
N ALA A 98 -14.95 -3.64 2.96
CA ALA A 98 -13.95 -2.57 2.90
C ALA A 98 -14.44 -1.30 3.60
N LEU A 99 -15.69 -0.93 3.35
CA LEU A 99 -16.27 0.26 3.96
C LEU A 99 -16.49 0.04 5.46
N LYS A 100 -17.03 -1.12 5.82
CA LYS A 100 -17.30 -1.42 7.22
C LYS A 100 -16.02 -1.36 8.05
N GLY A 101 -14.95 -1.96 7.55
CA GLY A 101 -13.69 -1.96 8.27
C GLY A 101 -13.18 -0.55 8.50
N THR A 102 -13.13 0.24 7.43
CA THR A 102 -12.66 1.61 7.51
C THR A 102 -13.44 2.43 8.54
N LEU A 103 -14.76 2.37 8.46
CA LEU A 103 -15.61 3.12 9.37
C LEU A 103 -15.52 2.59 10.80
N ASN A 104 -15.30 1.29 10.93
CA ASN A 104 -15.19 0.67 12.25
C ASN A 104 -13.99 1.29 12.97
N VAL A 105 -12.85 1.34 12.29
CA VAL A 105 -11.64 1.92 12.86
C VAL A 105 -11.83 3.41 13.12
N LEU A 106 -12.37 4.12 12.13
CA LEU A 106 -12.58 5.56 12.29
C LEU A 106 -13.50 5.90 13.47
N ASN A 107 -14.51 5.08 13.71
CA ASN A 107 -15.42 5.33 14.83
C ASN A 107 -14.64 5.28 16.14
N SER A 108 -13.71 4.34 16.23
CA SER A 108 -12.88 4.22 17.42
C SER A 108 -12.00 5.45 17.59
N CYS A 109 -11.50 5.97 16.47
CA CYS A 109 -10.65 7.15 16.49
C CYS A 109 -11.42 8.39 16.95
N ALA A 110 -12.68 8.46 16.55
CA ALA A 110 -13.54 9.60 16.88
C ALA A 110 -13.78 9.71 18.39
N LYS A 111 -13.60 8.62 19.12
CA LYS A 111 -13.82 8.67 20.55
C LYS A 111 -12.54 8.63 21.39
N SER A 112 -11.40 8.86 20.73
CA SER A 112 -10.11 8.86 21.42
C SER A 112 -9.62 10.30 21.63
N PRO A 113 -9.59 10.76 22.89
CA PRO A 113 -9.15 12.11 23.24
C PRO A 113 -7.70 12.43 22.90
N SER A 114 -6.84 11.41 22.95
CA SER A 114 -5.42 11.59 22.67
C SER A 114 -5.06 11.67 21.19
N LEU A 115 -5.97 11.25 20.32
CA LEU A 115 -5.72 11.26 18.88
C LEU A 115 -5.36 12.63 18.30
N LYS A 116 -4.28 12.65 17.53
CA LYS A 116 -3.84 13.88 16.87
C LYS A 116 -4.06 13.74 15.37
N ARG A 117 -3.64 12.61 14.80
CA ARG A 117 -3.79 12.41 13.37
C ARG A 117 -3.91 10.95 12.97
N VAL A 118 -4.73 10.71 11.95
CA VAL A 118 -4.92 9.37 11.39
C VAL A 118 -4.27 9.35 10.01
N VAL A 119 -3.46 8.33 9.73
CA VAL A 119 -2.85 8.20 8.42
C VAL A 119 -3.52 6.97 7.82
N LEU A 120 -4.28 7.17 6.75
CA LEU A 120 -5.00 6.09 6.09
C LEU A 120 -4.32 5.62 4.82
N THR A 121 -4.08 4.32 4.72
CA THR A 121 -3.46 3.76 3.53
C THR A 121 -4.56 3.59 2.49
N SER A 122 -4.46 4.32 1.38
CA SER A 122 -5.44 4.21 0.31
C SER A 122 -4.74 3.63 -0.92
N SER A 123 -5.10 4.12 -2.10
CA SER A 123 -4.50 3.62 -3.33
C SER A 123 -4.62 4.59 -4.48
N ILE A 124 -3.75 4.42 -5.48
CA ILE A 124 -3.79 5.27 -6.65
C ILE A 124 -5.10 4.96 -7.39
N ALA A 125 -5.69 3.80 -7.04
CA ALA A 125 -6.94 3.37 -7.64
C ALA A 125 -8.07 4.36 -7.34
N ALA A 126 -7.92 5.11 -6.25
CA ALA A 126 -8.93 6.08 -5.86
C ALA A 126 -8.73 7.45 -6.52
N VAL A 127 -7.65 7.60 -7.29
CA VAL A 127 -7.44 8.89 -7.92
C VAL A 127 -7.38 8.92 -9.45
N ALA A 128 -6.77 7.91 -10.06
CA ALA A 128 -6.56 7.92 -11.51
C ALA A 128 -7.69 7.58 -12.49
N TYR A 129 -8.75 6.92 -12.04
CA TYR A 129 -9.78 6.51 -12.98
C TYR A 129 -11.06 7.34 -13.05
N ASN A 130 -10.94 8.53 -13.62
CA ASN A 130 -12.08 9.43 -13.76
C ASN A 130 -12.58 9.54 -15.20
N GLY A 131 -12.03 8.72 -16.08
CA GLY A 131 -12.46 8.76 -17.47
C GLY A 131 -11.48 9.45 -18.40
N LYS A 132 -10.66 10.34 -17.84
CA LYS A 132 -9.67 11.04 -18.65
C LYS A 132 -8.59 10.08 -19.11
N PRO A 133 -8.08 10.25 -20.34
CA PRO A 133 -7.04 9.36 -20.85
C PRO A 133 -5.72 9.54 -20.10
N ARG A 134 -4.99 8.45 -19.95
CA ARG A 134 -3.70 8.50 -19.27
C ARG A 134 -2.62 8.14 -20.26
N THR A 135 -2.01 9.17 -20.85
CA THR A 135 -0.96 8.99 -21.84
C THR A 135 0.35 9.61 -21.35
N PRO A 136 1.46 9.33 -22.06
CA PRO A 136 2.80 9.83 -21.71
C PRO A 136 2.96 11.24 -21.15
N ASP A 137 2.28 12.22 -21.73
CA ASP A 137 2.42 13.59 -21.25
C ASP A 137 1.41 14.02 -20.19
N VAL A 138 0.50 13.12 -19.83
CA VAL A 138 -0.50 13.42 -18.81
C VAL A 138 0.11 13.26 -17.43
N VAL A 139 -0.14 14.22 -16.55
CA VAL A 139 0.39 14.15 -15.19
C VAL A 139 -0.75 14.00 -14.19
N VAL A 140 -0.95 12.79 -13.69
CA VAL A 140 -2.00 12.54 -12.72
C VAL A 140 -1.51 13.04 -11.36
N ASP A 141 -2.38 13.72 -10.61
CA ASP A 141 -2.02 14.21 -9.29
C ASP A 141 -3.21 14.05 -8.34
N GLU A 142 -3.06 14.56 -7.12
CA GLU A 142 -4.10 14.45 -6.11
C GLU A 142 -5.44 15.14 -6.40
N THR A 143 -5.51 15.94 -7.45
CA THR A 143 -6.75 16.62 -7.80
C THR A 143 -7.65 15.68 -8.60
N TRP A 144 -7.07 14.58 -9.04
CA TRP A 144 -7.81 13.57 -9.80
C TRP A 144 -8.52 12.65 -8.80
N PHE A 145 -9.80 12.41 -9.02
CA PHE A 145 -10.57 11.52 -8.16
C PHE A 145 -11.29 10.53 -9.05
N THR A 146 -11.18 9.24 -8.70
CA THR A 146 -11.81 8.19 -9.47
C THR A 146 -13.33 8.31 -9.46
N ASP A 147 -13.92 8.01 -10.61
CA ASP A 147 -15.37 8.05 -10.77
C ASP A 147 -15.86 6.62 -10.55
N ALA A 148 -16.37 6.35 -9.36
CA ALA A 148 -16.85 5.02 -9.00
C ALA A 148 -17.89 4.46 -9.96
N ASP A 149 -18.94 5.23 -10.24
CA ASP A 149 -19.98 4.77 -11.16
C ASP A 149 -19.41 4.40 -12.51
N PHE A 150 -18.51 5.22 -13.03
CA PHE A 150 -17.87 4.99 -14.30
C PHE A 150 -17.12 3.65 -14.32
N CYS A 151 -16.33 3.40 -13.27
CA CYS A 151 -15.55 2.17 -13.20
C CYS A 151 -16.43 0.95 -12.96
N ALA A 152 -17.57 1.15 -12.30
CA ALA A 152 -18.49 0.05 -12.02
C ALA A 152 -19.04 -0.54 -13.31
N LYS A 153 -19.22 0.31 -14.32
CA LYS A 153 -19.74 -0.13 -15.61
C LYS A 153 -18.77 -1.04 -16.33
N SER A 154 -17.52 -1.03 -15.89
CA SER A 154 -16.49 -1.89 -16.49
C SER A 154 -16.14 -3.04 -15.54
N ASN A 155 -16.93 -3.18 -14.49
CA ASN A 155 -16.72 -4.22 -13.48
C ASN A 155 -15.33 -4.17 -12.84
N LEU A 156 -14.81 -2.95 -12.66
CA LEU A 156 -13.51 -2.77 -12.04
C LEU A 156 -13.82 -2.61 -10.55
N TRP A 157 -14.29 -3.70 -9.96
CA TRP A 157 -14.71 -3.70 -8.57
C TRP A 157 -13.67 -3.40 -7.49
N TYR A 158 -12.42 -3.78 -7.71
CA TYR A 158 -11.38 -3.48 -6.73
C TYR A 158 -11.15 -1.97 -6.71
N VAL A 159 -11.22 -1.37 -7.90
CA VAL A 159 -11.05 0.07 -8.04
C VAL A 159 -12.24 0.76 -7.39
N VAL A 160 -13.43 0.24 -7.65
CA VAL A 160 -14.64 0.81 -7.07
C VAL A 160 -14.59 0.75 -5.55
N SER A 161 -14.19 -0.39 -5.01
CA SER A 161 -14.11 -0.56 -3.57
C SER A 161 -13.15 0.42 -2.91
N ALA A 162 -11.96 0.53 -3.46
CA ALA A 162 -10.95 1.43 -2.91
C ALA A 162 -11.43 2.88 -2.96
N THR A 163 -12.11 3.23 -4.04
CA THR A 163 -12.63 4.58 -4.21
C THR A 163 -13.73 4.91 -3.21
N LEU A 164 -14.70 4.00 -3.08
CA LEU A 164 -15.80 4.23 -2.16
C LEU A 164 -15.29 4.27 -0.72
N ALA A 165 -14.27 3.47 -0.43
CA ALA A 165 -13.71 3.42 0.91
C ALA A 165 -13.07 4.77 1.25
N GLU A 166 -12.26 5.30 0.35
CA GLU A 166 -11.62 6.58 0.64
C GLU A 166 -12.65 7.70 0.73
N GLU A 167 -13.64 7.69 -0.16
CA GLU A 167 -14.67 8.72 -0.13
C GLU A 167 -15.37 8.73 1.23
N ALA A 168 -15.73 7.54 1.69
CA ALA A 168 -16.41 7.39 2.96
C ALA A 168 -15.54 7.91 4.10
N ALA A 169 -14.24 7.61 4.01
CA ALA A 169 -13.29 8.04 5.04
C ALA A 169 -13.24 9.57 5.14
N TRP A 170 -13.05 10.23 4.01
CA TRP A 170 -13.00 11.70 4.03
C TRP A 170 -14.28 12.29 4.57
N LYS A 171 -15.43 11.80 4.10
CA LYS A 171 -16.72 12.31 4.58
C LYS A 171 -16.82 12.18 6.10
N PHE A 172 -16.45 11.01 6.63
CA PHE A 172 -16.52 10.78 8.07
C PHE A 172 -15.62 11.69 8.90
N VAL A 173 -14.35 11.79 8.53
CA VAL A 173 -13.42 12.63 9.29
C VAL A 173 -13.76 14.11 9.26
N LYS A 174 -14.40 14.56 8.19
CA LYS A 174 -14.79 15.97 8.07
C LYS A 174 -15.91 16.27 9.06
N GLU A 175 -16.86 15.34 9.13
CA GLU A 175 -18.02 15.50 10.02
C GLU A 175 -17.71 15.21 11.48
N ASN A 176 -16.65 14.46 11.74
CA ASN A 176 -16.29 14.13 13.11
C ASN A 176 -15.03 14.85 13.57
N ASN A 177 -14.67 15.91 12.84
CA ASN A 177 -13.49 16.71 13.16
C ASN A 177 -12.25 15.90 13.49
N ILE A 178 -11.84 15.05 12.54
CA ILE A 178 -10.65 14.24 12.70
C ILE A 178 -9.64 14.65 11.65
N ASP A 179 -8.37 14.78 12.06
CA ASP A 179 -7.30 15.17 11.14
C ASP A 179 -6.81 13.88 10.47
N MET A 180 -7.01 13.77 9.16
CA MET A 180 -6.58 12.58 8.43
C MET A 180 -5.86 12.91 7.13
N VAL A 181 -4.85 12.11 6.82
CA VAL A 181 -4.11 12.24 5.57
C VAL A 181 -4.10 10.83 4.97
N THR A 182 -4.03 10.73 3.65
CA THR A 182 -4.02 9.42 3.01
C THR A 182 -2.76 9.27 2.17
N ILE A 183 -2.29 8.03 2.04
CA ILE A 183 -1.12 7.73 1.22
C ILE A 183 -1.72 6.90 0.09
N ASN A 184 -1.44 7.26 -1.15
CA ASN A 184 -2.02 6.55 -2.30
C ASN A 184 -0.98 5.94 -3.23
N PRO A 185 -0.50 4.73 -2.89
CA PRO A 185 0.49 4.05 -3.73
C PRO A 185 -0.14 3.24 -4.86
N ALA A 186 0.69 2.87 -5.83
CA ALA A 186 0.27 2.04 -6.95
C ALA A 186 0.81 0.66 -6.59
N MET A 187 1.44 -0.04 -7.52
CA MET A 187 2.00 -1.36 -7.25
C MET A 187 3.20 -1.20 -6.31
N VAL A 188 3.15 -1.90 -5.17
CA VAL A 188 4.22 -1.80 -4.18
C VAL A 188 5.14 -3.03 -4.18
N ILE A 189 6.42 -2.78 -4.45
CA ILE A 189 7.41 -3.84 -4.47
C ILE A 189 8.60 -3.49 -3.56
N GLY A 190 9.60 -4.36 -3.54
CA GLY A 190 10.76 -4.12 -2.70
C GLY A 190 11.13 -5.36 -1.93
N PRO A 191 11.98 -5.24 -0.90
CA PRO A 191 12.38 -6.40 -0.10
C PRO A 191 11.25 -7.00 0.73
N LEU A 192 11.37 -8.29 1.02
CA LEU A 192 10.36 -9.00 1.80
C LEU A 192 10.81 -9.14 3.25
N LEU A 193 9.86 -9.09 4.17
CA LEU A 193 10.15 -9.23 5.60
C LEU A 193 9.82 -10.64 6.06
N GLN A 194 9.07 -11.36 5.24
CA GLN A 194 8.67 -12.74 5.51
C GLN A 194 8.42 -13.46 4.19
N PRO A 195 8.40 -14.79 4.19
CA PRO A 195 8.17 -15.59 2.99
C PRO A 195 6.74 -15.60 2.47
N VAL A 196 6.18 -14.42 2.25
CA VAL A 196 4.81 -14.30 1.74
C VAL A 196 4.83 -13.19 0.68
N LEU A 197 4.08 -13.37 -0.39
CA LEU A 197 4.06 -12.37 -1.46
C LEU A 197 2.74 -11.64 -1.62
N ASN A 198 2.83 -10.36 -2.01
CA ASN A 198 1.63 -9.57 -2.27
C ASN A 198 1.44 -9.71 -3.78
N THR A 199 0.33 -9.21 -4.30
CA THR A 199 0.08 -9.32 -5.73
C THR A 199 1.22 -8.75 -6.57
N SER A 200 1.76 -7.61 -6.14
CA SER A 200 2.84 -6.95 -6.86
C SER A 200 4.11 -7.80 -6.96
N ALA A 201 4.60 -8.28 -5.83
CA ALA A 201 5.81 -9.11 -5.82
C ALA A 201 5.55 -10.38 -6.64
N ALA A 202 4.33 -10.89 -6.57
CA ALA A 202 3.97 -12.09 -7.32
C ALA A 202 4.05 -11.85 -8.83
N ALA A 203 3.72 -10.63 -9.25
CA ALA A 203 3.77 -10.29 -10.67
C ALA A 203 5.23 -10.36 -11.14
N ILE A 204 6.14 -9.86 -10.30
CA ILE A 204 7.55 -9.88 -10.65
C ILE A 204 8.04 -11.33 -10.68
N LEU A 205 7.63 -12.12 -9.68
CA LEU A 205 8.05 -13.52 -9.63
C LEU A 205 7.66 -14.26 -10.91
N ASN A 206 6.44 -14.02 -11.39
CA ASN A 206 5.96 -14.68 -12.58
C ASN A 206 6.84 -14.40 -13.80
N LEU A 207 7.43 -13.22 -13.84
CA LEU A 207 8.28 -12.83 -14.96
C LEU A 207 9.62 -13.55 -14.97
N ILE A 208 10.13 -13.90 -13.79
CA ILE A 208 11.44 -14.53 -13.69
C ILE A 208 11.48 -16.04 -13.51
N ASN A 209 10.33 -16.69 -13.34
CA ASN A 209 10.35 -18.13 -13.12
C ASN A 209 9.94 -19.01 -14.29
N GLY A 210 10.12 -18.52 -15.51
CA GLY A 210 9.80 -19.32 -16.68
C GLY A 210 8.62 -18.93 -17.56
N ALA A 211 8.01 -17.78 -17.32
CA ALA A 211 6.87 -17.35 -18.12
C ALA A 211 7.19 -17.22 -19.61
N GLN A 212 6.24 -17.62 -20.45
CA GLN A 212 6.42 -17.54 -21.90
C GLN A 212 6.12 -16.15 -22.42
N THR A 213 5.30 -15.40 -21.69
CA THR A 213 4.93 -14.06 -22.11
C THR A 213 4.82 -13.13 -20.92
N PHE A 214 4.77 -11.82 -21.20
CA PHE A 214 4.58 -10.83 -20.16
C PHE A 214 3.27 -10.14 -20.52
N PRO A 215 2.51 -9.67 -19.52
CA PRO A 215 1.23 -9.00 -19.77
C PRO A 215 1.33 -7.69 -20.52
N ASN A 216 0.30 -7.40 -21.31
CA ASN A 216 0.24 -6.13 -22.03
C ASN A 216 -0.45 -5.23 -21.01
N ALA A 217 0.34 -4.66 -20.10
CA ALA A 217 -0.21 -3.80 -19.07
C ALA A 217 0.86 -2.84 -18.55
N SER A 218 0.41 -1.66 -18.10
CA SER A 218 1.30 -0.65 -17.56
C SER A 218 0.75 -0.25 -16.19
N PHE A 219 1.59 -0.34 -15.17
CA PHE A 219 1.16 0.03 -13.83
C PHE A 219 2.16 0.99 -13.22
N GLY A 220 1.73 1.68 -12.18
CA GLY A 220 2.62 2.59 -11.48
C GLY A 220 3.33 1.68 -10.50
N TRP A 221 4.60 1.95 -10.22
CA TRP A 221 5.37 1.14 -9.28
C TRP A 221 6.04 2.02 -8.25
N VAL A 222 6.15 1.51 -7.02
CA VAL A 222 6.77 2.26 -5.94
C VAL A 222 7.39 1.30 -4.93
N ASN A 223 8.44 1.75 -4.24
CA ASN A 223 9.13 0.92 -3.26
C ASN A 223 8.42 0.93 -1.89
N VAL A 224 8.24 -0.25 -1.32
CA VAL A 224 7.57 -0.38 -0.03
C VAL A 224 8.22 0.48 1.06
N LYS A 225 9.54 0.65 0.99
CA LYS A 225 10.22 1.47 1.99
C LYS A 225 9.80 2.93 1.85
N ASP A 226 9.65 3.39 0.60
CA ASP A 226 9.24 4.75 0.31
C ASP A 226 7.81 4.94 0.83
N VAL A 227 6.95 3.95 0.60
CA VAL A 227 5.58 4.03 1.04
C VAL A 227 5.50 4.08 2.57
N ALA A 228 6.26 3.22 3.25
CA ALA A 228 6.26 3.23 4.70
C ALA A 228 6.76 4.58 5.23
N ASN A 229 7.85 5.07 4.64
CA ASN A 229 8.41 6.35 5.08
C ASN A 229 7.43 7.50 4.85
N ALA A 230 6.68 7.43 3.76
CA ALA A 230 5.70 8.47 3.46
C ALA A 230 4.66 8.52 4.57
N HIS A 231 4.26 7.36 5.09
CA HIS A 231 3.28 7.30 6.16
C HIS A 231 3.83 8.03 7.40
N ILE A 232 5.08 7.73 7.73
CA ILE A 232 5.72 8.33 8.88
C ILE A 232 5.88 9.83 8.73
N LEU A 233 6.34 10.28 7.56
CA LEU A 233 6.54 11.71 7.32
C LEU A 233 5.23 12.47 7.33
N ALA A 234 4.18 11.87 6.76
CA ALA A 234 2.87 12.50 6.71
C ALA A 234 2.28 12.63 8.12
N TYR A 235 2.71 11.75 9.01
CA TYR A 235 2.22 11.79 10.39
C TYR A 235 2.97 12.83 11.23
N GLU A 236 4.30 12.81 11.14
CA GLU A 236 5.14 13.70 11.93
C GLU A 236 5.11 15.17 11.52
N ASN A 237 4.98 15.44 10.23
CA ASN A 237 4.95 16.82 9.74
C ASN A 237 3.55 17.41 9.92
N ALA A 238 3.42 18.32 10.88
CA ALA A 238 2.13 18.95 11.19
C ALA A 238 1.44 19.62 10.00
N SER A 239 2.21 20.13 9.05
CA SER A 239 1.64 20.82 7.90
C SER A 239 1.13 19.90 6.78
N ALA A 240 1.42 18.60 6.88
CA ALA A 240 0.96 17.67 5.86
C ALA A 240 -0.55 17.59 5.87
N SER A 241 -1.16 17.45 4.70
CA SER A 241 -2.62 17.36 4.62
C SER A 241 -3.06 16.77 3.29
N GLY A 242 -4.30 16.31 3.26
CA GLY A 242 -4.85 15.75 2.04
C GLY A 242 -4.31 14.37 1.66
N ARG A 243 -4.29 14.12 0.36
CA ARG A 243 -3.85 12.85 -0.21
C ARG A 243 -2.43 12.97 -0.72
N HIS A 244 -1.75 11.84 -0.88
CA HIS A 244 -0.38 11.85 -1.38
C HIS A 244 -0.13 10.71 -2.35
N CYS A 245 0.06 11.03 -3.63
CA CYS A 245 0.35 10.01 -4.63
C CYS A 245 1.72 9.42 -4.36
N LEU A 246 1.77 8.08 -4.31
CA LEU A 246 3.03 7.38 -4.06
C LEU A 246 3.33 6.45 -5.24
N VAL A 247 3.85 7.05 -6.31
CA VAL A 247 4.18 6.31 -7.53
C VAL A 247 5.50 6.86 -8.04
N GLU A 248 6.52 6.01 -8.11
CA GLU A 248 7.83 6.47 -8.59
C GLU A 248 7.79 6.64 -10.11
N ARG A 249 7.06 5.77 -10.78
CA ARG A 249 6.92 5.85 -12.23
C ARG A 249 5.96 4.79 -12.73
N VAL A 250 5.41 5.02 -13.92
CA VAL A 250 4.49 4.06 -14.53
C VAL A 250 5.34 3.35 -15.58
N ALA A 251 5.23 2.03 -15.64
CA ALA A 251 6.01 1.26 -16.61
C ALA A 251 5.26 0.07 -17.15
N HIS A 252 5.41 -0.15 -18.45
CA HIS A 252 4.77 -1.28 -19.11
C HIS A 252 5.63 -2.50 -18.78
N TYR A 253 5.01 -3.67 -18.74
CA TYR A 253 5.76 -4.88 -18.42
C TYR A 253 6.94 -5.12 -19.36
N SER A 254 6.86 -4.59 -20.58
CA SER A 254 7.96 -4.75 -21.53
C SER A 254 9.19 -4.04 -20.94
N GLU A 255 8.96 -2.89 -20.30
CA GLU A 255 10.04 -2.10 -19.70
C GLU A 255 10.56 -2.79 -18.44
N VAL A 256 9.65 -3.39 -17.68
CA VAL A 256 10.05 -4.10 -16.47
C VAL A 256 10.97 -5.25 -16.88
N VAL A 257 10.59 -5.94 -17.96
CA VAL A 257 11.40 -7.04 -18.47
C VAL A 257 12.75 -6.54 -18.97
N ARG A 258 12.75 -5.40 -19.65
CA ARG A 258 14.01 -4.83 -20.15
C ARG A 258 14.96 -4.59 -18.99
N ILE A 259 14.43 -4.04 -17.90
CA ILE A 259 15.25 -3.76 -16.72
C ILE A 259 15.78 -5.06 -16.13
N LEU A 260 14.94 -6.09 -16.06
CA LEU A 260 15.35 -7.39 -15.55
C LEU A 260 16.53 -7.95 -16.35
N ARG A 261 16.47 -7.81 -17.67
CA ARG A 261 17.53 -8.31 -18.54
C ARG A 261 18.83 -7.57 -18.25
N GLU A 262 18.71 -6.29 -17.94
CA GLU A 262 19.87 -5.44 -17.65
C GLU A 262 20.49 -5.84 -16.31
N LEU A 263 19.65 -6.19 -15.35
CA LEU A 263 20.12 -6.59 -14.02
C LEU A 263 20.66 -8.02 -13.98
N TYR A 264 20.04 -8.89 -14.76
CA TYR A 264 20.43 -10.31 -14.79
C TYR A 264 20.62 -10.78 -16.23
N PRO A 265 21.80 -10.52 -16.82
CA PRO A 265 22.12 -10.91 -18.19
C PRO A 265 22.01 -12.37 -18.58
N SER A 266 21.98 -13.28 -17.61
CA SER A 266 21.87 -14.69 -17.94
C SER A 266 20.53 -15.30 -17.53
N LEU A 267 19.60 -14.46 -17.09
CA LEU A 267 18.29 -14.94 -16.66
C LEU A 267 17.32 -15.12 -17.83
N GLN A 268 16.65 -16.27 -17.88
CA GLN A 268 15.69 -16.53 -18.95
C GLN A 268 14.44 -15.70 -18.69
N LEU A 269 14.06 -14.89 -19.65
CA LEU A 269 12.89 -14.02 -19.51
C LEU A 269 11.98 -14.08 -20.74
N PRO A 270 10.67 -13.84 -20.55
CA PRO A 270 9.73 -13.86 -21.67
C PRO A 270 10.04 -12.76 -22.69
N GLU A 271 9.97 -13.10 -23.96
CA GLU A 271 10.27 -12.15 -25.04
C GLU A 271 9.01 -11.69 -25.74
N LYS A 272 7.91 -12.41 -25.52
CA LYS A 272 6.64 -12.13 -26.17
C LYS A 272 5.59 -11.51 -25.25
N CYS A 273 4.85 -10.53 -25.77
CA CYS A 273 3.79 -9.90 -24.98
C CYS A 273 2.56 -10.79 -25.10
N ALA A 274 1.74 -10.82 -24.06
CA ALA A 274 0.54 -11.65 -24.01
C ALA A 274 -0.33 -11.55 -25.26
N ASP A 275 -0.35 -10.37 -25.89
CA ASP A 275 -1.12 -10.19 -27.12
C ASP A 275 -0.34 -9.38 -28.14
N ASP A 276 -0.96 -9.06 -29.27
CA ASP A 276 -0.30 -8.31 -30.32
C ASP A 276 -0.86 -6.90 -30.48
N LYS A 277 -1.61 -6.45 -29.48
CA LYS A 277 -2.19 -5.12 -29.51
C LYS A 277 -1.13 -4.12 -29.06
N PRO A 278 -1.32 -2.82 -29.37
CA PRO A 278 -0.34 -1.81 -28.95
C PRO A 278 -0.17 -1.86 -27.44
N TYR A 279 0.99 -1.45 -26.95
CA TYR A 279 1.25 -1.45 -25.52
C TYR A 279 0.38 -0.43 -24.80
N VAL A 280 -0.18 -0.81 -23.65
CA VAL A 280 -0.99 0.12 -22.87
C VAL A 280 -0.05 1.30 -22.62
N PRO A 281 -0.48 2.52 -22.95
CA PRO A 281 0.44 3.63 -22.70
C PRO A 281 0.76 3.92 -21.24
N ILE A 282 1.92 4.52 -21.02
CA ILE A 282 2.32 4.89 -19.67
C ILE A 282 1.92 6.36 -19.52
N TYR A 283 2.04 6.87 -18.31
CA TYR A 283 1.69 8.25 -18.03
C TYR A 283 2.51 8.69 -16.82
N GLN A 284 2.31 9.92 -16.39
CA GLN A 284 3.07 10.43 -15.25
C GLN A 284 2.21 10.64 -14.03
N VAL A 285 2.82 10.54 -12.85
CA VAL A 285 2.13 10.77 -11.60
C VAL A 285 2.96 11.75 -10.79
N SER A 286 2.31 12.77 -10.24
CA SER A 286 3.00 13.77 -9.45
C SER A 286 3.70 13.17 -8.23
N LYS A 287 4.89 13.71 -7.93
CA LYS A 287 5.68 13.29 -6.77
C LYS A 287 5.82 14.49 -5.85
N GLU A 288 5.30 15.63 -6.29
CA GLU A 288 5.40 16.89 -5.56
C GLU A 288 5.04 16.85 -4.08
N LYS A 289 3.86 16.35 -3.74
CA LYS A 289 3.42 16.31 -2.35
C LYS A 289 4.32 15.45 -1.46
N ALA A 290 4.64 14.24 -1.91
CA ALA A 290 5.49 13.36 -1.14
C ALA A 290 6.87 13.99 -0.96
N LYS A 291 7.38 14.61 -2.02
CA LYS A 291 8.69 15.25 -1.93
C LYS A 291 8.65 16.45 -1.00
N SER A 292 7.51 17.13 -0.92
CA SER A 292 7.39 18.31 -0.07
C SER A 292 7.58 17.93 1.39
N LEU A 293 7.46 16.64 1.69
CA LEU A 293 7.65 16.16 3.06
C LEU A 293 9.11 15.74 3.27
N GLY A 294 9.87 15.73 2.18
CA GLY A 294 11.26 15.34 2.26
C GLY A 294 11.55 13.95 1.73
N LEU A 295 10.52 13.26 1.27
CA LEU A 295 10.68 11.91 0.75
C LEU A 295 11.54 11.86 -0.52
N GLU A 296 12.42 10.85 -0.57
CA GLU A 296 13.25 10.64 -1.74
C GLU A 296 12.69 9.34 -2.34
N TYR A 297 12.54 9.31 -3.66
CA TYR A 297 12.00 8.12 -4.32
C TYR A 297 13.06 7.15 -4.81
N THR A 298 12.87 5.88 -4.48
CA THR A 298 13.79 4.82 -4.90
C THR A 298 13.45 4.47 -6.34
N PRO A 299 14.44 4.53 -7.26
CA PRO A 299 14.19 4.22 -8.67
C PRO A 299 13.71 2.79 -8.95
N LEU A 300 12.97 2.63 -10.03
CA LEU A 300 12.42 1.33 -10.40
C LEU A 300 13.46 0.21 -10.49
N GLU A 301 14.60 0.46 -11.12
CA GLU A 301 15.62 -0.58 -11.24
C GLU A 301 16.10 -1.10 -9.89
N VAL A 302 16.15 -0.23 -8.89
CA VAL A 302 16.59 -0.65 -7.56
C VAL A 302 15.49 -1.47 -6.89
N SER A 303 14.25 -1.06 -7.04
CA SER A 303 13.13 -1.77 -6.45
C SER A 303 12.98 -3.17 -7.03
N ILE A 304 13.16 -3.28 -8.35
CA ILE A 304 13.05 -4.57 -9.02
C ILE A 304 14.16 -5.48 -8.50
N LYS A 305 15.37 -4.94 -8.42
CA LYS A 305 16.52 -5.68 -7.93
C LYS A 305 16.26 -6.23 -6.53
N GLU A 306 15.80 -5.37 -5.63
CA GLU A 306 15.52 -5.76 -4.25
C GLU A 306 14.43 -6.83 -4.20
N THR A 307 13.44 -6.72 -5.06
CA THR A 307 12.36 -7.68 -5.09
C THR A 307 12.88 -9.05 -5.51
N VAL A 308 13.65 -9.09 -6.60
CA VAL A 308 14.20 -10.35 -7.08
C VAL A 308 15.14 -11.00 -6.05
N GLU A 309 15.99 -10.20 -5.43
CA GLU A 309 16.90 -10.73 -4.44
C GLU A 309 16.13 -11.33 -3.25
N SER A 310 15.07 -10.65 -2.83
CA SER A 310 14.26 -11.16 -1.72
C SER A 310 13.52 -12.42 -2.13
N LEU A 311 13.02 -12.45 -3.37
CA LEU A 311 12.31 -13.63 -3.85
C LEU A 311 13.23 -14.84 -3.80
N LYS A 312 14.52 -14.62 -4.09
CA LYS A 312 15.49 -15.70 -4.03
C LYS A 312 15.76 -16.08 -2.58
N GLU A 313 16.01 -15.07 -1.75
CA GLU A 313 16.29 -15.30 -0.32
C GLU A 313 15.14 -16.02 0.39
N LYS A 314 13.91 -15.73 -0.01
CA LYS A 314 12.74 -16.35 0.61
C LYS A 314 12.33 -17.67 -0.03
N LYS A 315 13.17 -18.17 -0.94
CA LYS A 315 12.92 -19.44 -1.60
C LYS A 315 11.78 -19.51 -2.62
N PHE A 316 11.36 -18.36 -3.15
CA PHE A 316 10.30 -18.36 -4.16
C PHE A 316 10.90 -18.55 -5.54
N ALA A 317 12.14 -18.11 -5.71
CA ALA A 317 12.82 -18.21 -7.00
C ALA A 317 14.16 -18.90 -6.89
N ASN A 318 14.47 -19.73 -7.88
CA ASN A 318 15.73 -20.46 -7.94
C ASN A 318 16.37 -20.15 -9.28
N LEU A 319 17.30 -19.20 -9.28
CA LEU A 319 17.97 -18.79 -10.52
C LEU A 319 19.46 -19.12 -10.50
#